data_2ZHQ
#
_entry.id   2ZHQ
#
_cell.length_a   71.1
_cell.length_b   71.4
_cell.length_c   72.9
_cell.angle_alpha   90.00
_cell.angle_beta   100.8
_cell.angle_gamma   90.00
#
_symmetry.space_group_name_H-M   'C 1 2 1'
#
loop_
_entity.id
_entity.type
_entity.pdbx_description
1 polymer 'Thrombin light chain'
2 polymer 'Thrombin heavy chain'
3 polymer 'Hirudin variant-1'
4 non-polymer 'SODIUM ION'
5 non-polymer N-(4-carbamimidoylbenzyl)-1-(3-phenylpropanoyl)-L-prolinamide
6 water water
#
loop_
_entity_poly.entity_id
_entity_poly.type
_entity_poly.pdbx_seq_one_letter_code
_entity_poly.pdbx_strand_id
1 'polypeptide(L)' TFGSGEADCGLRPLFEKKSLEDKTERELLESYIDGR L
2 'polypeptide(L)'
;IVEGSDAEIGMSPWQVMLFRKSPQELLCGASLISDRWVLTAAHCLLYPPWDKNFTENDLLVRIGKHSRTRYERNIEKISM
LEKIYIHPRYNWRENLDRDIALMKLKKPVAFSDYIHPVCLPDRETAASLLQAGYKGRVTGWGNLKETWTANVGKGQPSVL
QVVNLPIVERPVCKDSTRIRITDNMFCAGYKPDEGKRGDACEGDSGGPFVMKSPFNNRWYQMGIVSWGEGCDRDGKYGFY
THVFRLKKWIQKVIDQFGE
;
H
3 'polypeptide(L)' GDFEEIPEE(TYS)L I
#
loop_
_chem_comp.id
_chem_comp.type
_chem_comp.name
_chem_comp.formula
27U non-polymer N-(4-carbamimidoylbenzyl)-1-(3-phenylpropanoyl)-L-prolinamide 'C22 H26 N4 O2'
NA non-polymer 'SODIUM ION' 'Na 1'
#
# COMPACT_ATOMS: atom_id res chain seq x y z
N GLU A 6 4.65 9.51 -13.12
CA GLU A 6 5.24 10.30 -14.20
C GLU A 6 6.63 9.79 -14.55
N ALA A 7 7.39 10.59 -15.30
CA ALA A 7 8.73 10.18 -15.70
C ALA A 7 9.66 10.13 -14.48
N ASP A 8 9.21 10.83 -13.45
CA ASP A 8 9.82 11.05 -12.16
C ASP A 8 9.30 10.10 -11.09
N CYS A 9 8.47 9.12 -11.46
CA CYS A 9 7.90 8.21 -10.47
C CYS A 9 8.96 7.60 -9.56
N GLY A 10 8.67 7.34 -8.29
CA GLY A 10 9.59 6.53 -7.49
C GLY A 10 10.83 7.27 -7.02
N LEU A 11 10.96 8.55 -7.36
CA LEU A 11 12.10 9.32 -6.86
C LEU A 11 11.61 10.31 -5.83
N ARG A 12 11.94 10.12 -4.55
CA ARG A 12 11.31 10.95 -3.53
C ARG A 12 11.97 12.31 -3.43
N PRO A 13 11.18 13.37 -3.39
CA PRO A 13 11.74 14.72 -3.27
C PRO A 13 12.69 14.86 -2.10
N LEU A 14 12.42 14.24 -0.95
CA LEU A 14 13.27 14.52 0.21
C LEU A 14 14.39 13.50 0.39
N PHE A 15 14.49 12.52 -0.49
CA PHE A 15 15.58 11.55 -0.38
C PHE A 15 16.35 11.46 -1.69
N GLU A 16 15.88 10.67 -2.66
CA GLU A 16 16.63 10.49 -3.91
C GLU A 16 16.90 11.79 -4.66
N LYS A 17 15.92 12.68 -4.71
CA LYS A 17 16.11 13.96 -5.40
C LYS A 17 17.26 14.77 -4.83
N LYS A 18 17.53 14.64 -3.53
CA LYS A 18 18.59 15.34 -2.82
C LYS A 18 19.79 14.45 -2.52
N SER A 19 19.74 13.22 -2.99
CA SER A 19 20.74 12.22 -2.69
C SER A 19 20.92 11.97 -1.19
N LEU A 20 19.81 11.94 -0.46
CA LEU A 20 19.81 11.55 0.93
C LEU A 20 19.25 10.13 1.04
N GLU A 21 19.72 9.32 1.98
CA GLU A 21 19.11 7.98 2.09
C GLU A 21 18.27 7.91 3.35
N ASP A 22 17.16 7.16 3.38
CA ASP A 22 16.40 7.09 4.64
C ASP A 22 17.12 6.08 5.54
N LYS A 23 16.70 5.97 6.78
CA LYS A 23 17.41 5.19 7.79
C LYS A 23 17.40 3.68 7.56
N THR A 24 16.54 3.12 6.70
CA THR A 24 16.63 1.66 6.62
C THR A 24 16.63 1.17 5.18
N GLU A 25 16.79 2.07 4.21
CA GLU A 25 16.76 1.56 2.84
C GLU A 25 17.98 0.68 2.60
N ARG A 26 19.07 0.94 3.30
CA ARG A 26 20.21 0.03 3.13
C ARG A 26 19.84 -1.40 3.47
N GLU A 27 18.88 -1.65 4.36
CA GLU A 27 18.48 -3.04 4.64
C GLU A 27 17.91 -3.76 3.43
N LEU A 28 17.14 -3.04 2.61
CA LEU A 28 16.63 -3.62 1.38
C LEU A 28 17.76 -4.01 0.45
N LEU A 29 18.65 -3.05 0.18
CA LEU A 29 19.73 -3.27 -0.78
C LEU A 29 20.57 -4.48 -0.41
N GLU A 30 20.84 -4.58 0.89
CA GLU A 30 21.70 -5.69 1.32
C GLU A 30 21.02 -7.02 1.02
N SER A 31 19.69 -7.04 0.88
CA SER A 31 18.98 -8.29 0.64
C SER A 31 18.91 -8.62 -0.84
N TYR A 32 19.15 -7.58 -1.65
CA TYR A 32 19.08 -7.82 -3.10
C TYR A 32 20.33 -8.52 -3.58
N ILE A 33 20.52 -9.76 -3.15
CA ILE A 33 21.74 -10.51 -3.46
C ILE A 33 21.70 -11.12 -4.86
N ILE B 1 0.64 -1.54 11.24
CA ILE B 1 1.88 -2.32 11.20
C ILE B 1 2.34 -2.72 12.60
N VAL B 2 2.71 -3.99 12.72
CA VAL B 2 3.21 -4.60 13.94
C VAL B 2 4.73 -4.68 13.93
N GLU B 3 5.35 -4.19 15.01
CA GLU B 3 6.80 -4.27 15.14
C GLU B 3 7.51 -3.47 14.05
N GLY B 4 6.95 -2.34 13.66
CA GLY B 4 7.63 -1.48 12.69
C GLY B 4 8.14 -0.25 13.42
N SER B 5 8.27 0.87 12.73
CA SER B 5 8.79 2.08 13.37
C SER B 5 8.18 3.32 12.72
N ASP B 6 8.39 4.47 13.34
CA ASP B 6 7.84 5.69 12.79
C ASP B 6 8.48 5.98 11.43
N ALA B 7 7.68 6.40 10.46
CA ALA B 7 8.24 6.80 9.18
C ALA B 7 9.03 8.09 9.34
N GLU B 8 9.99 8.32 8.46
CA GLU B 8 10.63 9.63 8.33
C GLU B 8 9.70 10.52 7.51
N ILE B 9 9.78 11.83 7.66
CA ILE B 9 9.05 12.76 6.82
C ILE B 9 9.39 12.59 5.35
N GLY B 10 8.41 12.49 4.47
CA GLY B 10 8.66 12.31 3.04
C GLY B 10 9.22 10.96 2.65
N MET B 11 9.20 9.98 3.54
CA MET B 11 9.73 8.66 3.23
C MET B 11 8.83 7.82 2.32
N SER B 12 7.53 8.07 2.38
CA SER B 12 6.56 7.37 1.52
C SER B 12 5.52 8.33 0.94
N PRO B 13 5.98 9.19 0.06
CA PRO B 13 5.13 10.31 -0.36
C PRO B 13 4.04 9.87 -1.33
N TRP B 14 4.02 8.58 -1.63
CA TRP B 14 3.00 7.90 -2.42
C TRP B 14 1.91 7.34 -1.51
N GLN B 15 2.14 7.42 -0.21
CA GLN B 15 1.20 6.83 0.73
C GLN B 15 -0.12 7.58 0.76
N VAL B 16 -1.23 6.85 0.64
CA VAL B 16 -2.53 7.55 0.54
C VAL B 16 -3.40 7.05 1.66
N MET B 17 -4.24 7.89 2.27
CA MET B 17 -5.23 7.45 3.25
C MET B 17 -6.62 7.49 2.62
N LEU B 18 -7.32 6.36 2.66
CA LEU B 18 -8.72 6.24 2.32
C LEU B 18 -9.53 6.56 3.58
N PHE B 19 -10.29 7.64 3.50
CA PHE B 19 -10.94 8.17 4.70
C PHE B 19 -12.44 8.23 4.50
N ARG B 20 -13.23 7.66 5.42
CA ARG B 20 -14.69 7.77 5.23
C ARG B 20 -15.21 9.12 5.69
N LYS B 21 -16.20 9.69 5.00
CA LYS B 21 -16.76 11.00 5.29
C LYS B 21 -17.57 11.02 6.59
N SER B 22 -18.48 10.07 6.78
CA SER B 22 -19.30 9.96 7.97
C SER B 22 -19.60 8.51 8.35
N PRO B 23 -19.18 8.05 9.51
CA PRO B 23 -18.39 8.82 10.47
C PRO B 23 -16.92 8.91 9.99
N GLN B 24 -16.28 10.01 10.35
CA GLN B 24 -14.94 10.34 9.88
C GLN B 24 -13.96 9.35 10.46
N GLU B 25 -13.34 8.54 9.61
CA GLU B 25 -12.47 7.49 10.16
C GLU B 25 -11.55 6.93 9.09
N LEU B 26 -10.40 6.39 9.47
CA LEU B 26 -9.54 5.74 8.47
C LEU B 26 -10.27 4.52 7.92
N LEU B 27 -10.20 4.33 6.62
CA LEU B 27 -10.79 3.19 5.94
C LEU B 27 -9.71 2.18 5.56
N CYS B 28 -8.69 2.68 4.85
CA CYS B 28 -7.73 1.76 4.28
C CYS B 28 -6.46 2.54 3.93
N GLY B 29 -5.46 1.83 3.46
CA GLY B 29 -4.29 2.44 2.82
C GLY B 29 -4.50 2.40 1.32
N ALA B 30 -3.56 3.01 0.59
CA ALA B 30 -3.71 3.15 -0.86
C ALA B 30 -2.45 3.79 -1.38
N SER B 31 -2.29 4.00 -2.68
CA SER B 31 -1.07 4.62 -3.14
C SER B 31 -1.29 5.46 -4.39
N LEU B 32 -0.44 6.49 -4.51
CA LEU B 32 -0.55 7.44 -5.61
C LEU B 32 0.29 6.96 -6.79
N ILE B 33 -0.35 6.75 -7.94
CA ILE B 33 0.48 6.21 -9.04
C ILE B 33 0.54 7.22 -10.18
N SER B 34 -0.13 8.34 -10.03
CA SER B 34 -0.05 9.45 -10.98
C SER B 34 -0.75 10.64 -10.35
N ASP B 35 -0.82 11.80 -11.01
CA ASP B 35 -1.51 12.93 -10.39
C ASP B 35 -3.01 12.66 -10.28
N ARG B 36 -3.55 11.66 -10.98
CA ARG B 36 -5.00 11.45 -10.87
C ARG B 36 -5.42 10.03 -10.51
N TRP B 37 -4.50 9.12 -10.24
CA TRP B 37 -4.90 7.74 -10.01
C TRP B 37 -4.34 7.18 -8.70
N VAL B 38 -5.21 6.52 -7.95
CA VAL B 38 -4.84 5.91 -6.68
C VAL B 38 -5.07 4.41 -6.75
N LEU B 39 -4.11 3.62 -6.25
CA LEU B 39 -4.27 2.16 -6.30
C LEU B 39 -4.55 1.63 -4.90
N THR B 40 -5.44 0.67 -4.74
CA THR B 40 -5.77 0.15 -3.41
C THR B 40 -6.24 -1.30 -3.53
N ALA B 41 -6.71 -1.88 -2.44
CA ALA B 41 -7.21 -3.25 -2.43
C ALA B 41 -8.71 -3.25 -2.67
N ALA B 42 -9.20 -4.16 -3.52
CA ALA B 42 -10.63 -4.24 -3.78
C ALA B 42 -11.39 -4.44 -2.47
N HIS B 43 -10.79 -5.20 -1.55
CA HIS B 43 -11.54 -5.54 -0.33
C HIS B 43 -11.79 -4.30 0.50
N CYS B 44 -11.03 -3.24 0.25
CA CYS B 44 -11.24 -2.00 0.99
C CYS B 44 -12.57 -1.34 0.64
N LEU B 45 -13.07 -1.70 -0.55
CA LEU B 45 -14.22 -1.00 -1.09
C LEU B 45 -15.44 -1.93 -1.16
N LEU B 46 -15.18 -3.18 -1.52
CA LEU B 46 -16.21 -4.18 -1.72
C LEU B 46 -15.92 -5.50 -1.00
N TYR B 47 -16.77 -5.81 -0.02
CA TYR B 47 -16.67 -7.09 0.66
C TYR B 47 -18.01 -7.52 1.26
N PRO B 48 -18.86 -8.07 0.40
CA PRO B 48 -20.23 -8.46 0.77
C PRO B 48 -20.35 -9.26 2.04
N PRO B 49 -19.49 -10.22 2.38
CA PRO B 49 -19.61 -10.91 3.67
C PRO B 49 -19.67 -9.96 4.86
N TRP B 50 -19.17 -8.73 4.74
CA TRP B 50 -19.24 -7.79 5.87
C TRP B 50 -20.16 -6.63 5.52
N ASP B 51 -20.96 -6.83 4.48
CA ASP B 51 -21.86 -5.79 3.98
C ASP B 51 -21.10 -4.50 3.65
N LYS B 52 -19.90 -4.65 3.09
CA LYS B 52 -19.10 -3.51 2.68
C LYS B 52 -19.21 -3.28 1.17
N ASN B 53 -19.68 -2.11 0.80
CA ASN B 53 -19.76 -1.69 -0.59
C ASN B 53 -19.80 -0.16 -0.71
N PHE B 54 -18.66 0.48 -0.62
CA PHE B 54 -18.57 1.93 -0.72
C PHE B 54 -18.70 2.44 -2.16
N THR B 55 -19.39 3.57 -2.25
CA THR B 55 -19.53 4.29 -3.50
C THR B 55 -18.59 5.51 -3.50
N GLU B 56 -18.34 6.09 -4.67
CA GLU B 56 -17.47 7.26 -4.80
C GLU B 56 -17.77 8.31 -3.76
N ASN B 57 -19.06 8.64 -3.58
CA ASN B 57 -19.29 9.80 -2.68
C ASN B 57 -19.23 9.42 -1.23
N ASP B 58 -18.93 8.16 -0.87
CA ASP B 58 -18.79 7.94 0.57
C ASP B 58 -17.37 8.23 1.04
N LEU B 59 -16.50 8.51 0.10
CA LEU B 59 -15.07 8.49 0.38
C LEU B 59 -14.32 9.77 0.05
N LEU B 60 -13.25 9.99 0.80
CA LEU B 60 -12.19 10.96 0.53
C LEU B 60 -10.83 10.28 0.48
N VAL B 61 -9.94 10.83 -0.32
CA VAL B 61 -8.54 10.44 -0.44
C VAL B 61 -7.68 11.52 0.23
N ARG B 62 -6.85 11.15 1.19
CA ARG B 62 -5.96 12.07 1.90
C ARG B 62 -4.51 11.76 1.55
N ILE B 63 -3.83 12.72 0.94
CA ILE B 63 -2.48 12.50 0.40
C ILE B 63 -1.49 13.45 1.05
N GLY B 64 -0.26 13.00 1.22
CA GLY B 64 0.80 13.73 1.86
C GLY B 64 0.81 13.64 3.37
N LYS B 65 0.08 12.68 3.95
CA LYS B 65 -0.07 12.75 5.40
C LYS B 65 1.09 12.08 6.13
N HIS B 66 1.24 12.47 7.39
CA HIS B 66 2.19 11.80 8.28
C HIS B 66 1.43 11.37 9.53
N SER B 67 0.78 12.36 10.12
CA SER B 67 -0.10 12.13 11.26
C SER B 67 -1.32 11.30 10.90
N ARG B 68 -1.69 10.35 11.74
CA ARG B 68 -2.89 9.56 11.49
C ARG B 68 -4.17 10.40 11.61
N THR B 69 -4.38 11.07 12.75
CA THR B 69 -5.64 11.75 13.00
C THR B 69 -5.62 13.25 12.69
N ARG B 70 -4.46 13.92 12.71
CA ARG B 70 -4.52 15.36 12.52
C ARG B 70 -4.83 15.77 11.09
N TYR B 71 -5.51 16.92 10.96
CA TYR B 71 -5.66 17.48 9.63
C TYR B 71 -4.40 18.26 9.27
N GLU B 72 -3.56 17.78 8.37
CA GLU B 72 -2.21 18.36 8.26
C GLU B 72 -2.19 19.55 7.32
N ARG B 73 -2.59 20.68 7.89
CA ARG B 73 -2.80 21.93 7.20
C ARG B 73 -1.54 22.37 6.47
N ASN B 74 -1.67 22.76 5.21
CA ASN B 74 -0.63 23.20 4.31
C ASN B 74 0.27 22.04 3.89
N ILE B 75 -0.03 20.84 4.36
CA ILE B 75 0.81 19.72 3.89
C ILE B 75 -0.02 18.71 3.13
N GLU B 76 -1.04 18.16 3.79
CA GLU B 76 -1.83 17.14 3.08
C GLU B 76 -2.78 17.76 2.07
N LYS B 77 -3.13 16.98 1.07
CA LYS B 77 -4.21 17.34 0.15
C LYS B 77 -5.30 16.27 0.24
N ILE B 78 -6.57 16.70 0.16
CA ILE B 78 -7.71 15.81 0.33
C ILE B 78 -8.51 15.86 -0.96
N SER B 79 -8.77 14.72 -1.61
CA SER B 79 -9.38 14.71 -2.93
C SER B 79 -10.66 13.86 -2.97
N MET B 80 -11.48 14.25 -3.95
CA MET B 80 -12.78 13.68 -4.20
C MET B 80 -12.65 12.59 -5.26
N LEU B 81 -13.35 11.48 -5.04
CA LEU B 81 -13.32 10.41 -6.02
C LEU B 81 -14.31 10.71 -7.14
N GLU B 82 -13.82 10.55 -8.36
CA GLU B 82 -14.62 10.60 -9.56
C GLU B 82 -15.25 9.24 -9.81
N LYS B 83 -14.40 8.21 -9.81
CA LYS B 83 -14.90 6.90 -10.22
C LYS B 83 -14.01 5.79 -9.68
N ILE B 84 -14.66 4.76 -9.16
CA ILE B 84 -14.00 3.57 -8.67
C ILE B 84 -14.12 2.44 -9.69
N TYR B 85 -13.03 1.68 -9.81
CA TYR B 85 -12.86 0.55 -10.69
C TYR B 85 -12.32 -0.67 -9.94
N ILE B 86 -13.14 -1.70 -9.83
CA ILE B 86 -12.72 -2.92 -9.15
C ILE B 86 -12.46 -3.99 -10.21
N HIS B 87 -11.44 -4.82 -10.03
CA HIS B 87 -11.17 -5.93 -10.94
C HIS B 87 -12.42 -6.79 -11.14
N PRO B 88 -12.83 -7.01 -12.38
CA PRO B 88 -14.00 -7.83 -12.66
C PRO B 88 -13.87 -9.27 -12.21
N ARG B 89 -12.70 -9.75 -11.82
CA ARG B 89 -12.55 -11.15 -11.43
C ARG B 89 -11.97 -11.23 -10.02
N TYR B 90 -12.04 -10.11 -9.32
CA TYR B 90 -11.81 -10.05 -7.88
C TYR B 90 -12.68 -11.08 -7.18
N ASN B 91 -12.05 -12.02 -6.51
CA ASN B 91 -12.75 -13.13 -5.86
C ASN B 91 -12.96 -12.92 -4.37
N TRP B 92 -13.99 -12.13 -4.03
CA TRP B 92 -14.36 -11.95 -2.64
C TRP B 92 -15.08 -13.16 -2.05
N ARG B 93 -15.64 -14.03 -2.89
CA ARG B 93 -16.35 -15.19 -2.34
C ARG B 93 -15.40 -16.19 -1.73
N GLU B 94 -14.22 -16.36 -2.33
CA GLU B 94 -13.35 -17.40 -1.77
C GLU B 94 -12.09 -16.85 -1.11
N ASN B 95 -11.10 -16.42 -1.90
CA ASN B 95 -9.80 -16.11 -1.33
C ASN B 95 -9.21 -14.74 -1.61
N LEU B 96 -9.98 -13.76 -2.08
CA LEU B 96 -9.42 -12.43 -2.32
C LEU B 96 -8.45 -12.42 -3.49
N ASP B 97 -8.62 -13.40 -4.38
CA ASP B 97 -7.82 -13.40 -5.62
C ASP B 97 -8.13 -12.16 -6.47
N ARG B 98 -7.08 -11.52 -6.95
CA ARG B 98 -7.14 -10.30 -7.77
C ARG B 98 -7.70 -9.17 -6.90
N ASP B 99 -7.08 -9.03 -5.73
CA ASP B 99 -7.59 -8.06 -4.75
C ASP B 99 -6.99 -6.69 -5.08
N ILE B 100 -7.59 -6.03 -6.05
CA ILE B 100 -7.03 -4.78 -6.56
C ILE B 100 -8.15 -3.88 -7.07
N ALA B 101 -7.92 -2.57 -6.92
CA ALA B 101 -8.90 -1.60 -7.43
C ALA B 101 -8.17 -0.29 -7.73
N LEU B 102 -8.73 0.46 -8.67
CA LEU B 102 -8.29 1.80 -8.99
C LEU B 102 -9.36 2.83 -8.62
N MET B 103 -8.90 4.02 -8.30
CA MET B 103 -9.74 5.16 -7.98
C MET B 103 -9.27 6.36 -8.81
N LYS B 104 -10.15 6.93 -9.62
CA LYS B 104 -9.86 8.15 -10.38
C LYS B 104 -10.23 9.39 -9.57
N LEU B 105 -9.33 10.37 -9.47
CA LEU B 105 -9.66 11.56 -8.67
C LEU B 105 -10.41 12.60 -9.49
N LYS B 106 -11.24 13.38 -8.82
CA LYS B 106 -11.99 14.43 -9.52
C LYS B 106 -11.06 15.40 -10.23
N LYS B 107 -10.05 15.91 -9.52
CA LYS B 107 -9.05 16.77 -10.14
C LYS B 107 -7.65 16.32 -9.73
N PRO B 108 -6.61 16.70 -10.47
CA PRO B 108 -5.28 16.15 -10.19
C PRO B 108 -4.70 16.72 -8.91
N VAL B 109 -3.89 15.93 -8.22
CA VAL B 109 -3.30 16.43 -6.98
C VAL B 109 -1.96 17.09 -7.27
N ALA B 110 -1.63 18.09 -6.45
CA ALA B 110 -0.38 18.80 -6.70
C ALA B 110 0.77 18.08 -6.00
N PHE B 111 1.78 17.69 -6.78
CA PHE B 111 2.96 17.07 -6.20
C PHE B 111 3.71 18.10 -5.35
N SER B 112 4.50 17.57 -4.41
CA SER B 112 5.19 18.39 -3.42
C SER B 112 6.29 17.56 -2.76
N ASP B 113 6.97 18.13 -1.78
CA ASP B 113 7.95 17.36 -1.01
C ASP B 113 7.32 16.12 -0.39
N TYR B 114 6.02 16.16 -0.14
CA TYR B 114 5.36 15.13 0.66
C TYR B 114 4.43 14.25 -0.15
N ILE B 115 4.23 14.62 -1.41
CA ILE B 115 3.31 14.03 -2.34
C ILE B 115 3.98 13.77 -3.69
N HIS B 116 4.08 12.49 -4.04
CA HIS B 116 4.83 12.05 -5.21
C HIS B 116 4.48 10.60 -5.52
N PRO B 117 4.22 10.28 -6.79
CA PRO B 117 3.82 8.92 -7.14
C PRO B 117 4.99 7.94 -7.17
N VAL B 118 4.64 6.68 -6.91
CA VAL B 118 5.51 5.53 -6.99
C VAL B 118 5.43 4.92 -8.38
N CYS B 119 6.44 4.20 -8.84
CA CYS B 119 6.36 3.49 -10.11
C CYS B 119 5.67 2.13 -10.01
N LEU B 120 5.10 1.69 -11.13
CA LEU B 120 4.60 0.31 -11.21
C LEU B 120 5.63 -0.51 -11.96
N PRO B 121 5.92 -1.73 -11.55
CA PRO B 121 7.00 -2.46 -12.23
C PRO B 121 6.62 -2.96 -13.62
N ASP B 122 7.62 -3.17 -14.46
CA ASP B 122 7.54 -3.89 -15.72
C ASP B 122 8.04 -5.31 -15.49
N ARG B 123 7.87 -6.20 -16.48
CA ARG B 123 8.22 -7.59 -16.26
C ARG B 123 9.66 -7.79 -15.79
N GLU B 124 10.60 -6.98 -16.30
CA GLU B 124 11.99 -7.30 -15.93
C GLU B 124 12.24 -6.88 -14.49
N THR B 125 11.67 -5.74 -14.07
CA THR B 125 11.83 -5.35 -12.67
C THR B 125 11.17 -6.36 -11.74
N ALA B 126 9.95 -6.78 -12.08
CA ALA B 126 9.31 -7.81 -11.26
C ALA B 126 10.16 -9.07 -11.22
N ALA B 127 10.57 -9.50 -12.42
CA ALA B 127 11.37 -10.72 -12.46
C ALA B 127 12.64 -10.55 -11.65
N SER B 128 13.30 -9.40 -11.77
CA SER B 128 14.53 -9.26 -10.99
C SER B 128 14.31 -9.10 -9.50
N LEU B 129 13.23 -8.50 -9.06
CA LEU B 129 13.10 -8.14 -7.65
C LEU B 129 12.26 -9.07 -6.81
N LEU B 130 11.31 -9.79 -7.42
CA LEU B 130 10.43 -10.60 -6.58
C LEU B 130 11.02 -11.98 -6.36
N GLN B 131 12.07 -12.05 -5.55
CA GLN B 131 12.78 -13.28 -5.22
C GLN B 131 12.72 -13.52 -3.73
N ALA B 132 12.49 -14.77 -3.33
CA ALA B 132 12.53 -15.16 -1.93
C ALA B 132 13.73 -14.57 -1.22
N GLY B 133 13.56 -13.99 -0.03
CA GLY B 133 14.72 -13.42 0.64
C GLY B 133 14.90 -11.95 0.35
N TYR B 134 14.54 -11.46 -0.84
CA TYR B 134 14.67 -10.01 -1.04
C TYR B 134 13.65 -9.26 -0.19
N LYS B 135 14.00 -8.09 0.33
CA LYS B 135 13.05 -7.39 1.20
C LYS B 135 12.35 -6.24 0.47
N GLY B 136 11.08 -6.09 0.83
CA GLY B 136 10.24 -4.98 0.44
C GLY B 136 9.91 -4.18 1.71
N ARG B 137 9.22 -3.07 1.55
CA ARG B 137 8.83 -2.16 2.62
C ARG B 137 7.33 -2.00 2.68
N VAL B 138 6.73 -2.10 3.87
CA VAL B 138 5.29 -1.84 3.88
C VAL B 138 5.00 -0.74 4.91
N THR B 139 3.99 0.08 4.64
CA THR B 139 3.69 1.27 5.41
C THR B 139 2.19 1.44 5.66
N GLY B 140 1.76 2.07 6.76
CA GLY B 140 0.31 2.19 6.93
C GLY B 140 -0.10 2.75 8.27
N TRP B 141 -1.36 3.15 8.44
CA TRP B 141 -1.78 3.72 9.72
C TRP B 141 -2.60 2.72 10.51
N GLY B 142 -2.41 1.44 10.22
CA GLY B 142 -3.17 0.37 10.85
C GLY B 142 -2.73 0.03 12.25
N ASN B 143 -3.39 -0.95 12.87
CA ASN B 143 -3.10 -1.29 14.25
C ASN B 143 -1.66 -1.77 14.44
N LEU B 144 -1.17 -1.55 15.65
CA LEU B 144 0.15 -1.83 16.14
C LEU B 144 0.26 -3.25 16.66
N LYS B 145 -0.90 -3.90 16.75
CA LYS B 145 -0.96 -5.32 17.08
C LYS B 145 -2.40 -5.82 16.94
N GLU B 146 -2.59 -7.12 17.08
CA GLU B 146 -3.91 -7.75 17.03
C GLU B 146 -4.90 -7.17 18.02
N GLY B 155 -3.11 -0.97 19.72
CA GLY B 155 -3.55 0.41 19.56
C GLY B 155 -3.27 0.92 18.15
N GLN B 156 -3.61 2.18 17.91
CA GLN B 156 -3.37 2.87 16.66
C GLN B 156 -2.14 3.76 16.81
N PRO B 157 -1.34 3.94 15.77
CA PRO B 157 -0.13 4.78 15.90
C PRO B 157 -0.45 6.26 15.80
N SER B 158 0.46 7.08 16.31
CA SER B 158 0.35 8.51 16.14
C SER B 158 0.77 8.95 14.74
N VAL B 159 1.73 8.27 14.12
CA VAL B 159 2.10 8.68 12.76
C VAL B 159 2.31 7.46 11.88
N LEU B 160 2.47 7.66 10.56
CA LEU B 160 2.76 6.62 9.60
C LEU B 160 3.84 5.66 10.07
N GLN B 161 3.59 4.35 9.97
CA GLN B 161 4.48 3.30 10.42
C GLN B 161 5.18 2.62 9.26
N VAL B 162 6.34 2.03 9.50
CA VAL B 162 7.06 1.40 8.39
C VAL B 162 7.73 0.10 8.85
N VAL B 163 7.79 -0.90 7.98
CA VAL B 163 8.54 -2.11 8.33
C VAL B 163 9.06 -2.78 7.06
N ASN B 164 10.30 -3.23 7.09
CA ASN B 164 10.88 -3.97 5.97
C ASN B 164 10.70 -5.46 6.20
N LEU B 165 10.30 -6.21 5.17
CA LEU B 165 9.99 -7.63 5.30
C LEU B 165 10.53 -8.44 4.13
N PRO B 166 10.99 -9.67 4.36
CA PRO B 166 11.47 -10.49 3.25
C PRO B 166 10.36 -11.25 2.52
N ILE B 167 10.49 -11.35 1.20
CA ILE B 167 9.56 -12.16 0.41
C ILE B 167 9.78 -13.63 0.75
N VAL B 168 8.71 -14.43 0.75
CA VAL B 168 8.85 -15.79 1.26
C VAL B 168 8.62 -16.77 0.11
N GLU B 169 9.30 -17.91 0.15
CA GLU B 169 9.20 -18.94 -0.88
C GLU B 169 7.74 -19.38 -1.04
N ARG B 170 7.25 -19.54 -2.27
CA ARG B 170 5.84 -19.88 -2.45
C ARG B 170 5.46 -21.16 -1.71
N PRO B 171 6.22 -22.24 -1.75
CA PRO B 171 5.75 -23.43 -1.00
C PRO B 171 5.69 -23.13 0.49
N VAL B 172 6.60 -22.31 1.02
CA VAL B 172 6.45 -22.00 2.44
C VAL B 172 5.16 -21.20 2.66
N CYS B 173 4.84 -20.29 1.76
CA CYS B 173 3.59 -19.51 1.84
C CYS B 173 2.37 -20.44 1.87
N LYS B 174 2.41 -21.37 0.93
CA LYS B 174 1.31 -22.33 0.79
C LYS B 174 1.14 -23.18 2.04
N ASP B 175 2.26 -23.60 2.61
CA ASP B 175 2.19 -24.53 3.74
C ASP B 175 1.80 -23.84 5.03
N SER B 176 1.61 -22.51 4.94
CA SER B 176 1.31 -21.76 6.16
C SER B 176 -0.18 -21.58 6.36
N THR B 177 -0.98 -21.90 5.34
CA THR B 177 -2.40 -21.59 5.42
C THR B 177 -3.26 -22.68 4.82
N ARG B 178 -4.55 -22.72 5.21
CA ARG B 178 -5.46 -23.62 4.52
C ARG B 178 -6.07 -22.93 3.30
N ILE B 179 -5.92 -21.61 3.22
CA ILE B 179 -6.53 -20.87 2.10
C ILE B 179 -5.87 -21.20 0.77
N ARG B 180 -6.65 -21.19 -0.32
CA ARG B 180 -6.01 -21.53 -1.60
C ARG B 180 -5.34 -20.28 -2.20
N ILE B 181 -4.03 -20.30 -2.22
CA ILE B 181 -3.10 -19.30 -2.71
C ILE B 181 -2.98 -19.27 -4.23
N THR B 182 -2.82 -18.09 -4.83
CA THR B 182 -2.78 -18.02 -6.29
C THR B 182 -1.54 -17.25 -6.75
N ASP B 183 -1.27 -17.33 -8.03
CA ASP B 183 -0.12 -16.69 -8.66
C ASP B 183 -0.27 -15.18 -8.65
N ASN B 184 -1.49 -14.70 -8.44
CA ASN B 184 -1.71 -13.27 -8.23
C ASN B 184 -1.44 -12.82 -6.80
N MET B 185 -0.80 -13.66 -5.98
CA MET B 185 -0.52 -13.27 -4.62
C MET B 185 0.92 -13.66 -4.26
N PHE B 186 1.52 -12.89 -3.36
CA PHE B 186 2.80 -13.39 -2.84
C PHE B 186 2.75 -13.17 -1.34
N CYS B 187 3.63 -13.83 -0.58
CA CYS B 187 3.53 -13.56 0.87
C CYS B 187 4.87 -13.04 1.34
N ALA B 188 4.87 -12.37 2.49
CA ALA B 188 6.13 -11.81 2.99
C ALA B 188 6.14 -11.80 4.51
N GLY B 189 7.31 -11.82 5.13
CA GLY B 189 7.35 -11.85 6.59
C GLY B 189 8.51 -12.73 7.03
N TYR B 190 8.95 -12.60 8.29
CA TYR B 190 10.06 -13.42 8.76
C TYR B 190 9.56 -14.78 9.22
N LYS B 191 10.34 -15.84 9.00
CA LYS B 191 10.00 -17.16 9.53
C LYS B 191 10.27 -17.15 11.04
N PRO B 192 9.67 -18.07 11.79
CA PRO B 192 9.79 -18.05 13.25
C PRO B 192 11.24 -18.13 13.74
N ASP B 193 12.09 -18.77 12.96
CA ASP B 193 13.51 -19.01 13.14
C ASP B 193 14.37 -17.77 12.95
N GLU B 194 13.93 -16.87 12.07
CA GLU B 194 14.59 -15.61 11.79
C GLU B 194 14.11 -14.57 12.79
N GLY B 195 14.63 -14.65 13.99
CA GLY B 195 14.31 -13.89 15.17
C GLY B 195 13.51 -12.62 14.99
N LYS B 196 13.77 -11.83 13.94
CA LYS B 196 13.02 -10.60 13.72
C LYS B 196 11.57 -10.89 13.32
N ARG B 197 10.70 -9.91 13.51
CA ARG B 197 9.30 -10.09 13.14
C ARG B 197 8.75 -8.80 12.53
N GLY B 198 7.43 -8.67 12.43
CA GLY B 198 6.87 -7.47 11.81
C GLY B 198 5.81 -7.92 10.81
N ASP B 199 4.80 -7.09 10.54
CA ASP B 199 3.74 -7.50 9.63
C ASP B 199 2.79 -6.32 9.44
N ALA B 200 1.99 -6.38 8.39
CA ALA B 200 0.88 -5.46 8.22
C ALA B 200 -0.31 -5.97 9.04
N CYS B 201 -1.28 -5.09 9.27
CA CYS B 201 -2.41 -5.52 10.08
C CYS B 201 -3.67 -4.81 9.62
N GLU B 202 -4.81 -5.09 10.24
CA GLU B 202 -6.05 -4.38 9.99
C GLU B 202 -5.79 -2.88 9.94
N GLY B 203 -6.32 -2.20 8.93
CA GLY B 203 -6.06 -0.78 8.76
C GLY B 203 -4.94 -0.48 7.78
N ASP B 204 -4.06 -1.43 7.54
CA ASP B 204 -2.97 -1.28 6.58
C ASP B 204 -3.41 -1.69 5.18
N SER B 205 -4.56 -2.34 5.12
CA SER B 205 -5.19 -2.81 3.90
C SER B 205 -5.06 -1.81 2.78
N GLY B 206 -4.71 -2.30 1.59
CA GLY B 206 -4.70 -1.43 0.41
C GLY B 206 -3.39 -0.70 0.24
N GLY B 207 -2.57 -0.69 1.29
CA GLY B 207 -1.30 0.03 1.25
C GLY B 207 -0.28 -0.73 0.42
N PRO B 208 0.76 0.00 0.02
CA PRO B 208 1.75 -0.53 -0.92
C PRO B 208 2.85 -1.33 -0.24
N PHE B 209 3.28 -2.41 -0.90
CA PHE B 209 4.55 -3.09 -0.62
C PHE B 209 5.55 -2.59 -1.66
N VAL B 210 6.62 -1.91 -1.22
CA VAL B 210 7.51 -1.30 -2.22
C VAL B 210 8.93 -1.85 -2.11
N MET B 211 9.65 -1.79 -3.23
CA MET B 211 11.05 -2.16 -3.23
C MET B 211 11.85 -1.10 -3.99
N LYS B 212 13.08 -0.86 -3.56
CA LYS B 212 13.91 0.13 -4.26
C LYS B 212 14.85 -0.58 -5.23
N SER B 213 14.62 -0.40 -6.53
CA SER B 213 15.46 -1.08 -7.51
C SER B 213 16.92 -0.65 -7.41
N PRO B 214 17.82 -1.63 -7.34
CA PRO B 214 19.26 -1.31 -7.29
C PRO B 214 19.75 -0.97 -8.68
N PHE B 215 18.86 -1.07 -9.68
CA PHE B 215 19.30 -0.78 -11.04
C PHE B 215 19.07 0.67 -11.41
N ASN B 216 17.99 1.28 -10.92
CA ASN B 216 17.79 2.70 -11.27
C ASN B 216 17.47 3.55 -10.05
N ASN B 217 17.48 2.93 -8.88
CA ASN B 217 17.28 3.52 -7.57
C ASN B 217 15.96 4.26 -7.46
N ARG B 218 14.96 3.70 -8.12
CA ARG B 218 13.56 4.09 -8.03
C ARG B 218 12.76 3.05 -7.25
N TRP B 219 11.78 3.54 -6.51
CA TRP B 219 10.86 2.71 -5.76
C TRP B 219 9.71 2.28 -6.66
N TYR B 220 9.44 0.98 -6.65
CA TYR B 220 8.42 0.27 -7.38
C TYR B 220 7.40 -0.35 -6.44
N GLN B 221 6.10 -0.20 -6.72
CA GLN B 221 5.13 -0.88 -5.87
C GLN B 221 4.93 -2.30 -6.39
N MET B 222 5.41 -3.30 -5.67
CA MET B 222 5.32 -4.68 -6.10
C MET B 222 4.03 -5.32 -5.60
N GLY B 223 3.54 -4.82 -4.46
CA GLY B 223 2.39 -5.50 -3.86
C GLY B 223 1.42 -4.54 -3.22
N ILE B 224 0.23 -5.07 -2.94
CA ILE B 224 -0.77 -4.33 -2.17
C ILE B 224 -1.15 -5.12 -0.94
N VAL B 225 -1.25 -4.48 0.22
CA VAL B 225 -1.67 -5.27 1.39
C VAL B 225 -3.04 -5.89 1.23
N SER B 226 -3.11 -7.23 1.33
CA SER B 226 -4.36 -7.91 1.03
C SER B 226 -4.96 -8.65 2.21
N TRP B 227 -4.25 -9.65 2.72
CA TRP B 227 -4.85 -10.45 3.78
C TRP B 227 -3.79 -11.15 4.63
N GLY B 228 -4.28 -11.73 5.71
CA GLY B 228 -3.47 -12.50 6.61
C GLY B 228 -4.33 -13.00 7.77
N GLU B 229 -3.91 -14.09 8.39
CA GLU B 229 -4.62 -14.64 9.53
C GLU B 229 -3.91 -14.18 10.80
N GLY B 230 -4.62 -13.36 11.55
CA GLY B 230 -4.03 -12.65 12.68
C GLY B 230 -3.01 -11.65 12.13
N CYS B 231 -2.22 -11.04 12.99
CA CYS B 231 -1.17 -10.11 12.55
C CYS B 231 0.13 -10.48 13.25
N ASP B 232 1.21 -10.73 12.53
CA ASP B 232 2.51 -11.00 13.15
C ASP B 232 2.48 -12.28 14.00
N ARG B 233 1.64 -13.24 13.66
CA ARG B 233 1.69 -14.55 14.28
C ARG B 233 2.83 -15.42 13.77
N ASP B 234 3.55 -16.11 14.65
CA ASP B 234 4.60 -17.02 14.20
C ASP B 234 4.00 -18.07 13.25
N GLY B 235 4.76 -18.35 12.22
CA GLY B 235 4.49 -19.27 11.14
C GLY B 235 3.38 -18.82 10.23
N LYS B 236 2.91 -17.58 10.39
CA LYS B 236 1.92 -17.04 9.45
C LYS B 236 2.58 -15.93 8.65
N TYR B 237 2.14 -15.63 7.44
CA TYR B 237 2.78 -14.58 6.65
C TYR B 237 1.73 -13.61 6.13
N GLY B 238 2.14 -12.39 5.78
CA GLY B 238 1.16 -11.46 5.22
C GLY B 238 1.02 -11.74 3.74
N PHE B 239 -0.17 -11.60 3.17
CA PHE B 239 -0.29 -11.86 1.74
C PHE B 239 -0.58 -10.56 1.00
N TYR B 240 0.03 -10.45 -0.17
CA TYR B 240 -0.03 -9.26 -0.99
C TYR B 240 -0.52 -9.57 -2.39
N THR B 241 -1.39 -8.70 -2.93
CA THR B 241 -1.71 -8.73 -4.34
C THR B 241 -0.49 -8.47 -5.22
N HIS B 242 -0.23 -9.31 -6.19
CA HIS B 242 0.90 -9.24 -7.12
C HIS B 242 0.65 -8.20 -8.20
N VAL B 243 1.15 -6.99 -7.99
CA VAL B 243 0.78 -5.88 -8.86
C VAL B 243 1.20 -6.13 -10.30
N PHE B 244 2.40 -6.69 -10.51
CA PHE B 244 2.81 -6.87 -11.90
C PHE B 244 1.88 -7.84 -12.64
N ARG B 245 1.41 -8.88 -11.97
CA ARG B 245 0.49 -9.83 -12.57
C ARG B 245 -0.83 -9.19 -13.00
N LEU B 246 -1.26 -8.11 -12.37
CA LEU B 246 -2.53 -7.47 -12.75
C LEU B 246 -2.33 -6.20 -13.55
N LYS B 247 -1.09 -5.93 -13.98
CA LYS B 247 -0.78 -4.67 -14.66
C LYS B 247 -1.50 -4.49 -15.98
N LYS B 248 -1.78 -5.58 -16.68
CA LYS B 248 -2.48 -5.37 -17.96
C LYS B 248 -3.85 -4.77 -17.66
N TRP B 249 -4.46 -5.27 -16.58
CA TRP B 249 -5.76 -4.71 -16.21
C TRP B 249 -5.60 -3.24 -15.81
N ILE B 250 -4.51 -2.89 -15.13
CA ILE B 250 -4.29 -1.53 -14.67
C ILE B 250 -4.16 -0.55 -15.84
N GLN B 251 -3.40 -0.95 -16.87
CA GLN B 251 -3.17 -0.13 -18.05
C GLN B 251 -4.46 0.07 -18.83
N LYS B 252 -5.18 -1.04 -19.01
CA LYS B 252 -6.46 -1.01 -19.70
C LYS B 252 -7.39 0.02 -19.09
N VAL B 253 -7.53 -0.06 -17.77
CA VAL B 253 -8.44 0.88 -17.12
C VAL B 253 -8.02 2.33 -17.35
N ILE B 254 -6.73 2.53 -17.22
CA ILE B 254 -6.22 3.91 -17.25
C ILE B 254 -6.28 4.46 -18.66
N ASP B 255 -5.97 3.59 -19.61
CA ASP B 255 -6.04 3.86 -21.04
C ASP B 255 -7.46 4.17 -21.50
N GLN B 256 -8.41 3.36 -21.04
CA GLN B 256 -9.80 3.50 -21.44
C GLN B 256 -10.49 4.68 -20.77
N PHE B 257 -10.54 4.72 -19.44
CA PHE B 257 -11.29 5.80 -18.80
C PHE B 257 -10.37 6.93 -18.37
N GLY B 258 -9.15 6.89 -18.87
CA GLY B 258 -8.16 7.92 -18.68
C GLY B 258 -8.08 8.47 -17.28
N GLY C 1 -13.54 10.65 14.59
CA GLY C 1 -13.66 10.05 15.92
C GLY C 1 -12.58 10.62 16.85
N ASP C 2 -11.40 10.03 16.72
CA ASP C 2 -10.19 10.56 17.33
C ASP C 2 -9.51 11.42 16.26
N PHE C 3 -10.24 11.54 15.16
CA PHE C 3 -9.77 12.28 13.99
C PHE C 3 -10.11 13.75 14.06
N GLU C 4 -9.10 14.58 13.83
CA GLU C 4 -9.37 16.01 13.75
C GLU C 4 -10.31 16.30 12.58
N GLU C 5 -11.14 17.32 12.76
CA GLU C 5 -12.09 17.72 11.74
C GLU C 5 -11.36 18.18 10.48
N ILE C 6 -11.85 17.73 9.33
CA ILE C 6 -11.33 18.25 8.07
C ILE C 6 -12.22 19.41 7.62
N PRO C 7 -11.66 20.38 6.92
CA PRO C 7 -12.46 21.49 6.39
C PRO C 7 -13.72 21.01 5.68
N GLU C 8 -14.83 21.60 6.09
CA GLU C 8 -16.19 21.39 5.64
C GLU C 8 -16.26 21.22 4.13
N GLU C 9 -15.46 22.04 3.46
CA GLU C 9 -15.33 22.12 2.02
C GLU C 9 -15.07 20.75 1.40
N TYS C 10 -14.38 19.90 2.14
CA TYS C 10 -14.09 18.53 1.56
CB TYS C 10 -12.87 17.92 2.25
CG TYS C 10 -11.65 18.80 2.02
CD1 TYS C 10 -11.30 19.24 0.72
CD2 TYS C 10 -10.87 19.20 3.13
CE1 TYS C 10 -10.15 20.03 0.52
CE2 TYS C 10 -9.76 20.04 2.94
CZ TYS C 10 -9.39 20.45 1.64
OH TYS C 10 -8.29 21.25 1.46
S TYS C 10 -6.92 20.58 1.31
O1 TYS C 10 -6.93 19.75 0.02
O2 TYS C 10 -6.03 21.66 1.06
O3 TYS C 10 -6.72 19.72 2.45
C TYS C 10 -15.27 17.57 1.71
O TYS C 10 -15.49 16.79 0.81
N LEU C 11 -16.15 17.93 2.64
CA LEU C 11 -17.35 17.15 2.93
C LEU C 11 -18.59 17.68 2.22
NA NA D . 4.69 -14.32 11.11
NA NA E . -1.69 -25.22 2.65
C3 27U F . -8.73 -11.63 5.99
O1 27U F . -7.55 -11.31 5.92
C2 27U F . -9.07 -12.87 6.77
C1 27U F . -8.49 -14.15 6.14
C17 27U F . -9.13 -14.43 4.76
C18 27U F . -10.51 -14.67 4.66
C19 27U F . -11.14 -14.78 3.42
C20 27U F . -10.40 -14.63 2.24
C21 27U F . -9.02 -14.39 2.34
C22 27U F . -8.40 -14.28 3.58
N1 27U F . -9.65 -10.89 5.33
C7 27U F . -9.22 -9.69 4.61
C8 27U F . -8.58 -8.73 5.59
O2 27U F . -9.00 -8.74 6.73
C6 27U F . -10.62 -9.16 4.20
C5 27U F . -11.38 -10.48 3.88
C4 27U F . -11.01 -11.37 5.09
N2 27U F . -7.45 -8.07 5.22
C9 27U F . -6.86 -7.11 6.17
C10 27U F . -5.49 -7.65 6.59
C15 27U F . -4.34 -7.33 5.86
C14 27U F . -3.08 -7.82 6.23
C13 27U F . -2.96 -8.65 7.34
C16 27U F . -1.59 -9.18 7.74
N3 27U F . -0.58 -8.95 6.94
N4 27U F . -1.42 -9.86 8.83
C12 27U F . -4.10 -8.97 8.08
C11 27U F . -5.35 -8.48 7.71
#